data_7AKY
#
_entry.id   7AKY
#
_cell.length_a   46.525
_cell.length_b   115.796
_cell.length_c   53.529
_cell.angle_alpha   90.000
_cell.angle_beta   90.000
_cell.angle_gamma   90.000
#
_symmetry.space_group_name_H-M   'P 21 21 2'
#
loop_
_entity.id
_entity.type
_entity.pdbx_description
1 polymer 'viral rhodopsin OLPVR1'
2 non-polymer EICOSANE
3 non-polymer '(2S)-2,3-dihydroxypropyl (9Z)-hexadec-9-enoate'
4 water water
#
_entity_poly.entity_id   1
_entity_poly.type   'polypeptide(L)'
_entity_poly.pdbx_seq_one_letter_code
;MDNIIMTAYISIFVQIITAIISVYGLFIPLNFKDIILREILILELIVQIIEFIFYIWLIITLQSINEDITYVRYFDWVLT
TPVMLLTTVYFFEYMNSDDGIRKKEINDRDYVYLFYICLSNFFMLLIGYLGETKQINKMLTLFGGSFFLFLTFYLLYVKY
TKENWMNYIVFYFMFLVWFLYGFAFMFPFSIKNQMYNILDIVS(LYR)NIYSIFIFIVILNQSYKLLLEHHHHHH
;
_entity_poly.pdbx_strand_id   A
#
loop_
_chem_comp.id
_chem_comp.type
_chem_comp.name
_chem_comp.formula
97N non-polymer '(2S)-2,3-dihydroxypropyl (9Z)-hexadec-9-enoate' 'C19 H36 O4'
LFA non-polymer EICOSANE 'C20 H42'
#
# COMPACT_ATOMS: atom_id res chain seq x y z
N ASP A 2 11.44 -19.33 13.88
CA ASP A 2 12.04 -19.43 12.53
C ASP A 2 11.00 -18.95 11.50
N ASN A 3 9.77 -18.72 11.94
CA ASN A 3 8.60 -18.47 11.05
C ASN A 3 8.52 -16.99 10.71
N ILE A 4 9.10 -16.10 11.53
CA ILE A 4 9.28 -14.68 11.12
C ILE A 4 10.20 -14.67 9.90
N ILE A 5 11.31 -15.41 9.97
CA ILE A 5 12.33 -15.45 8.89
C ILE A 5 11.70 -16.07 7.64
N MET A 6 10.99 -17.20 7.81
N MET A 6 10.99 -17.20 7.80
CA MET A 6 10.38 -17.93 6.66
CA MET A 6 10.38 -17.93 6.65
C MET A 6 9.38 -17.02 5.94
C MET A 6 9.39 -17.01 5.95
N THR A 7 8.51 -16.34 6.70
CA THR A 7 7.49 -15.43 6.10
C THR A 7 8.18 -14.23 5.47
N ALA A 8 9.30 -13.75 6.03
CA ALA A 8 10.11 -12.67 5.42
C ALA A 8 10.64 -13.14 4.07
N TYR A 9 11.16 -14.37 3.97
CA TYR A 9 11.67 -14.92 2.70
C TYR A 9 10.53 -15.03 1.67
N ILE A 10 9.36 -15.47 2.08
CA ILE A 10 8.18 -15.58 1.17
C ILE A 10 7.88 -14.18 0.62
N SER A 11 7.85 -13.18 1.50
CA SER A 11 7.58 -11.78 1.12
C SER A 11 8.65 -11.30 0.13
N ILE A 12 9.92 -11.57 0.43
CA ILE A 12 11.06 -11.14 -0.43
C ILE A 12 10.95 -11.81 -1.80
N PHE A 13 10.59 -13.10 -1.83
CA PHE A 13 10.40 -13.86 -3.08
C PHE A 13 9.40 -13.13 -3.98
N VAL A 14 8.23 -12.81 -3.42
CA VAL A 14 7.16 -12.13 -4.22
C VAL A 14 7.62 -10.73 -4.58
N GLN A 15 8.35 -10.04 -3.71
CA GLN A 15 8.86 -8.68 -4.03
C GLN A 15 9.72 -8.74 -5.29
N ILE A 16 10.65 -9.69 -5.34
CA ILE A 16 11.67 -9.76 -6.43
C ILE A 16 10.93 -9.97 -7.76
N ILE A 17 10.02 -10.94 -7.80
CA ILE A 17 9.31 -11.31 -9.06
CA ILE A 17 9.32 -11.31 -9.06
C ILE A 17 8.41 -10.14 -9.48
N THR A 18 7.73 -9.52 -8.51
CA THR A 18 6.85 -8.35 -8.76
C THR A 18 7.67 -7.19 -9.35
N ALA A 19 8.88 -6.96 -8.84
CA ALA A 19 9.74 -5.85 -9.31
C ALA A 19 10.11 -6.08 -10.77
N ILE A 20 10.46 -7.32 -11.12
CA ILE A 20 10.81 -7.66 -12.53
C ILE A 20 9.61 -7.39 -13.43
N ILE A 21 8.44 -7.90 -13.05
CA ILE A 21 7.17 -7.71 -13.80
C ILE A 21 6.92 -6.21 -14.00
N SER A 22 7.07 -5.43 -12.93
CA SER A 22 6.76 -3.97 -12.92
C SER A 22 7.68 -3.25 -13.92
N VAL A 23 8.96 -3.61 -13.93
CA VAL A 23 9.94 -2.93 -14.81
C VAL A 23 9.56 -3.17 -16.28
N TYR A 24 9.19 -4.40 -16.66
CA TYR A 24 8.71 -4.69 -18.03
C TYR A 24 7.44 -3.85 -18.30
N GLY A 25 6.57 -3.75 -17.30
CA GLY A 25 5.31 -2.99 -17.39
C GLY A 25 5.56 -1.55 -17.82
N LEU A 26 6.66 -0.94 -17.37
CA LEU A 26 6.98 0.49 -17.62
C LEU A 26 7.17 0.72 -19.12
N PHE A 27 7.49 -0.32 -19.89
CA PHE A 27 7.93 -0.17 -21.30
C PHE A 27 6.85 -0.66 -22.26
N ILE A 28 5.71 -1.11 -21.74
CA ILE A 28 4.52 -1.46 -22.57
C ILE A 28 3.95 -0.16 -23.14
N PRO A 29 3.79 -0.06 -24.48
CA PRO A 29 3.19 1.13 -25.08
C PRO A 29 1.73 1.30 -24.67
N LEU A 30 1.31 2.56 -24.54
CA LEU A 30 -0.02 2.93 -23.98
C LEU A 30 -0.79 3.79 -24.98
N ASN A 31 -2.07 3.51 -25.14
CA ASN A 31 -3.07 4.44 -25.71
C ASN A 31 -3.16 5.69 -24.82
N PHE A 32 -3.61 6.80 -25.41
CA PHE A 32 -3.71 8.13 -24.74
C PHE A 32 -4.35 7.96 -23.36
N LYS A 33 -5.50 7.29 -23.29
CA LYS A 33 -6.36 7.28 -22.07
C LYS A 33 -5.64 6.56 -20.93
N ASP A 34 -4.59 5.78 -21.23
CA ASP A 34 -4.04 4.78 -20.27
C ASP A 34 -2.70 5.26 -19.67
N ILE A 35 -2.24 6.45 -20.04
CA ILE A 35 -0.89 6.94 -19.64
C ILE A 35 -0.75 6.93 -18.10
N ILE A 36 -1.80 7.27 -17.38
CA ILE A 36 -1.75 7.38 -15.89
C ILE A 36 -1.37 6.02 -15.28
N LEU A 37 -1.64 4.91 -15.94
CA LEU A 37 -1.30 3.57 -15.39
C LEU A 37 0.22 3.45 -15.22
N ARG A 38 1.00 4.00 -16.14
CA ARG A 38 2.48 3.98 -16.02
C ARG A 38 2.91 4.90 -14.89
N GLU A 39 2.23 6.04 -14.70
CA GLU A 39 2.53 6.97 -13.58
C GLU A 39 2.31 6.24 -12.26
N ILE A 40 1.26 5.44 -12.17
CA ILE A 40 0.96 4.61 -10.95
C ILE A 40 2.08 3.58 -10.77
N LEU A 41 2.44 2.87 -11.82
CA LEU A 41 3.38 1.73 -11.69
C LEU A 41 4.76 2.24 -11.25
N ILE A 42 5.19 3.41 -11.76
CA ILE A 42 6.47 4.04 -11.34
C ILE A 42 6.45 4.26 -9.82
N LEU A 43 5.34 4.77 -9.28
CA LEU A 43 5.25 5.07 -7.84
C LEU A 43 5.22 3.77 -7.02
N GLU A 44 4.60 2.71 -7.56
CA GLU A 44 4.56 1.39 -6.88
C GLU A 44 5.98 0.81 -6.79
N LEU A 45 6.80 1.04 -7.83
N LEU A 45 6.79 1.04 -7.83
CA LEU A 45 8.21 0.55 -7.86
CA LEU A 45 8.20 0.55 -7.86
C LEU A 45 9.05 1.33 -6.83
C LEU A 45 9.03 1.32 -6.82
N ILE A 46 8.74 2.61 -6.64
CA ILE A 46 9.43 3.44 -5.62
C ILE A 46 9.07 2.90 -4.23
N VAL A 47 7.81 2.56 -4.01
CA VAL A 47 7.35 1.90 -2.76
C VAL A 47 8.14 0.59 -2.57
N GLN A 48 8.35 -0.15 -3.64
CA GLN A 48 9.06 -1.46 -3.57
C GLN A 48 10.51 -1.24 -3.11
N ILE A 49 11.15 -0.17 -3.54
CA ILE A 49 12.56 0.12 -3.15
C ILE A 49 12.61 0.24 -1.62
N ILE A 50 11.70 1.01 -1.03
CA ILE A 50 11.66 1.22 0.45
CA ILE A 50 11.65 1.22 0.44
C ILE A 50 11.34 -0.11 1.13
N GLU A 51 10.34 -0.83 0.63
CA GLU A 51 9.92 -2.13 1.21
C GLU A 51 11.14 -3.06 1.23
N PHE A 52 11.87 -3.14 0.11
CA PHE A 52 12.98 -4.12 -0.05
C PHE A 52 14.09 -3.78 0.95
N ILE A 53 14.39 -2.49 1.12
CA ILE A 53 15.45 -2.05 2.07
C ILE A 53 15.04 -2.51 3.48
N PHE A 54 13.77 -2.38 3.84
CA PHE A 54 13.27 -2.81 5.16
C PHE A 54 13.49 -4.33 5.31
N TYR A 55 13.11 -5.11 4.28
CA TYR A 55 13.11 -6.59 4.38
C TYR A 55 14.55 -7.12 4.45
N ILE A 56 15.50 -6.48 3.77
CA ILE A 56 16.93 -6.88 3.85
C ILE A 56 17.46 -6.51 5.25
N TRP A 57 17.11 -5.32 5.74
CA TRP A 57 17.41 -4.92 7.14
C TRP A 57 16.84 -5.98 8.10
N LEU A 58 15.61 -6.41 7.86
CA LEU A 58 14.91 -7.33 8.80
C LEU A 58 15.64 -8.67 8.84
N ILE A 59 15.97 -9.27 7.69
CA ILE A 59 16.51 -10.66 7.69
C ILE A 59 17.93 -10.64 8.26
N ILE A 60 18.66 -9.53 8.11
CA ILE A 60 20.00 -9.37 8.73
C ILE A 60 19.83 -9.20 10.24
N THR A 61 18.87 -8.37 10.67
CA THR A 61 18.63 -8.03 12.10
C THR A 61 18.16 -9.29 12.86
N LEU A 62 17.31 -10.10 12.23
CA LEU A 62 16.68 -11.28 12.88
C LEU A 62 17.74 -12.32 13.26
N GLN A 63 18.96 -12.19 12.74
CA GLN A 63 20.08 -13.10 13.08
C GLN A 63 20.40 -12.99 14.58
N SER A 64 20.16 -11.81 15.17
CA SER A 64 20.63 -11.45 16.53
C SER A 64 19.60 -10.55 17.23
N ILE A 65 18.30 -10.83 17.03
CA ILE A 65 17.19 -10.09 17.69
C ILE A 65 17.40 -10.11 19.20
N ASN A 66 17.38 -8.93 19.81
CA ASN A 66 17.64 -8.72 21.26
C ASN A 66 16.53 -7.83 21.82
N GLU A 67 15.68 -7.32 20.93
CA GLU A 67 14.55 -6.42 21.30
C GLU A 67 13.40 -6.60 20.30
N ASP A 68 12.23 -6.09 20.65
CA ASP A 68 11.02 -6.12 19.80
C ASP A 68 11.17 -5.03 18.72
N ILE A 69 11.42 -5.43 17.48
CA ILE A 69 11.83 -4.50 16.38
C ILE A 69 10.62 -4.15 15.51
N THR A 70 9.40 -4.48 15.95
CA THR A 70 8.17 -4.24 15.16
C THR A 70 8.09 -2.75 14.78
N TYR A 71 8.48 -1.85 15.69
CA TYR A 71 8.33 -0.38 15.51
C TYR A 71 9.09 0.08 14.27
N VAL A 72 10.13 -0.64 13.86
CA VAL A 72 10.99 -0.23 12.72
C VAL A 72 10.16 -0.24 11.43
N ARG A 73 9.09 -1.03 11.36
CA ARG A 73 8.22 -1.07 10.17
C ARG A 73 7.66 0.33 9.88
N TYR A 74 7.48 1.14 10.92
CA TYR A 74 6.80 2.45 10.80
C TYR A 74 7.67 3.41 9.97
N PHE A 75 8.98 3.20 9.92
CA PHE A 75 9.90 4.04 9.13
C PHE A 75 9.72 3.74 7.64
N ASP A 76 9.29 2.53 7.31
CA ASP A 76 8.83 2.16 5.94
C ASP A 76 7.42 2.76 5.73
N TRP A 77 6.47 2.42 6.59
CA TRP A 77 5.05 2.76 6.38
C TRP A 77 4.86 4.29 6.22
N VAL A 78 5.60 5.08 7.00
CA VAL A 78 5.39 6.56 7.01
C VAL A 78 5.76 7.12 5.63
N LEU A 79 6.60 6.43 4.87
CA LEU A 79 6.98 6.84 3.49
C LEU A 79 6.06 6.18 2.46
N THR A 80 5.77 4.88 2.61
CA THR A 80 5.14 4.09 1.53
C THR A 80 3.62 4.34 1.54
N THR A 81 2.98 4.40 2.70
CA THR A 81 1.49 4.41 2.76
C THR A 81 0.93 5.68 2.14
N PRO A 82 1.49 6.90 2.31
CA PRO A 82 0.95 8.06 1.60
C PRO A 82 1.05 7.90 0.07
N VAL A 83 2.17 7.35 -0.41
CA VAL A 83 2.34 7.11 -1.87
C VAL A 83 1.24 6.15 -2.34
N MET A 84 0.98 5.10 -1.57
CA MET A 84 -0.03 4.08 -1.92
C MET A 84 -1.43 4.70 -1.93
N LEU A 85 -1.71 5.64 -1.01
CA LEU A 85 -3.02 6.32 -1.03
C LEU A 85 -3.12 7.20 -2.27
N LEU A 86 -2.04 7.89 -2.66
CA LEU A 86 -2.03 8.72 -3.89
C LEU A 86 -2.27 7.83 -5.11
N THR A 87 -1.60 6.68 -5.20
CA THR A 87 -1.76 5.80 -6.40
C THR A 87 -3.18 5.24 -6.45
N THR A 88 -3.80 4.99 -5.30
CA THR A 88 -5.20 4.51 -5.21
C THR A 88 -6.14 5.59 -5.75
N VAL A 89 -5.93 6.84 -5.36
CA VAL A 89 -6.70 7.98 -5.91
C VAL A 89 -6.53 8.01 -7.43
N TYR A 90 -5.29 7.92 -7.92
CA TYR A 90 -5.01 7.99 -9.37
C TYR A 90 -5.79 6.85 -10.06
N PHE A 91 -5.82 5.66 -9.47
CA PHE A 91 -6.48 4.50 -10.13
C PHE A 91 -8.00 4.70 -10.14
N PHE A 92 -8.58 5.21 -9.07
CA PHE A 92 -10.04 5.52 -9.04
C PHE A 92 -10.37 6.57 -10.11
N GLU A 93 -9.54 7.61 -10.21
CA GLU A 93 -9.74 8.69 -11.22
C GLU A 93 -9.65 8.09 -12.62
N TYR A 94 -8.70 7.17 -12.85
CA TYR A 94 -8.57 6.45 -14.14
C TYR A 94 -9.87 5.70 -14.45
N MET A 95 -10.36 4.91 -13.49
CA MET A 95 -11.57 4.06 -13.65
C MET A 95 -12.78 4.96 -13.98
N ASN A 96 -12.86 6.14 -13.37
CA ASN A 96 -14.16 6.83 -13.14
C ASN A 96 -14.25 8.07 -14.05
N SER A 97 -13.17 8.48 -14.70
CA SER A 97 -13.10 9.76 -15.45
CA SER A 97 -13.08 9.76 -15.45
C SER A 97 -13.48 9.53 -16.92
N ASP A 98 -14.30 10.43 -17.47
CA ASP A 98 -15.03 10.25 -18.76
C ASP A 98 -14.02 10.18 -19.90
N ASP A 99 -12.97 11.01 -19.83
CA ASP A 99 -11.89 11.09 -20.85
C ASP A 99 -10.54 10.98 -20.12
N GLY A 100 -9.44 11.08 -20.87
CA GLY A 100 -8.07 10.92 -20.33
C GLY A 100 -7.82 11.82 -19.14
N ILE A 101 -7.22 11.28 -18.08
CA ILE A 101 -6.78 12.02 -16.87
C ILE A 101 -5.36 11.58 -16.50
N ARG A 102 -4.53 12.52 -16.05
CA ARG A 102 -3.13 12.26 -15.65
C ARG A 102 -2.91 12.77 -14.22
N LYS A 103 -1.84 12.33 -13.57
CA LYS A 103 -1.63 12.62 -12.14
C LYS A 103 -1.43 14.13 -11.94
N LYS A 104 -0.81 14.84 -12.89
CA LYS A 104 -0.55 16.30 -12.71
C LYS A 104 -1.89 17.04 -12.54
N GLU A 105 -2.88 16.70 -13.36
CA GLU A 105 -4.22 17.36 -13.32
C GLU A 105 -4.84 17.10 -11.94
N ILE A 106 -4.76 15.86 -11.46
CA ILE A 106 -5.35 15.46 -10.16
C ILE A 106 -4.63 16.23 -9.05
N ASN A 107 -3.30 16.18 -9.03
CA ASN A 107 -2.47 16.80 -7.96
C ASN A 107 -2.77 18.30 -7.92
N ASP A 108 -2.75 18.96 -9.08
CA ASP A 108 -2.90 20.43 -9.18
C ASP A 108 -4.29 20.83 -8.66
N ARG A 109 -5.29 19.98 -8.91
CA ARG A 109 -6.71 20.26 -8.56
C ARG A 109 -6.91 19.98 -7.06
N ASP A 110 -6.38 18.86 -6.57
CA ASP A 110 -6.88 18.23 -5.33
C ASP A 110 -5.83 18.24 -4.22
N TYR A 111 -4.72 18.97 -4.34
CA TYR A 111 -3.57 18.87 -3.41
C TYR A 111 -4.04 19.08 -1.95
N VAL A 112 -4.96 20.00 -1.70
CA VAL A 112 -5.44 20.24 -0.30
C VAL A 112 -6.13 18.97 0.21
N TYR A 113 -7.07 18.40 -0.55
CA TYR A 113 -7.82 17.20 -0.12
C TYR A 113 -6.85 16.03 0.06
N LEU A 114 -5.90 15.89 -0.86
CA LEU A 114 -4.90 14.80 -0.80
C LEU A 114 -4.03 14.97 0.45
N PHE A 115 -3.72 16.20 0.82
CA PHE A 115 -3.03 16.49 2.10
C PHE A 115 -3.87 15.98 3.27
N TYR A 116 -5.18 16.26 3.31
CA TYR A 116 -6.09 15.78 4.37
C TYR A 116 -6.00 14.25 4.48
N ILE A 117 -6.09 13.56 3.36
CA ILE A 117 -6.07 12.07 3.34
C ILE A 117 -4.75 11.61 3.97
N CYS A 118 -3.63 12.19 3.55
CA CYS A 118 -2.29 11.76 4.02
C CYS A 118 -2.07 12.18 5.48
N LEU A 119 -2.71 13.27 5.92
CA LEU A 119 -2.56 13.72 7.33
C LEU A 119 -3.33 12.78 8.25
N SER A 120 -4.56 12.41 7.90
CA SER A 120 -5.35 11.38 8.62
C SER A 120 -4.49 10.13 8.74
N ASN A 121 -3.92 9.68 7.63
CA ASN A 121 -3.10 8.45 7.57
C ASN A 121 -1.89 8.61 8.51
N PHE A 122 -1.25 9.78 8.50
CA PHE A 122 -0.08 10.04 9.36
C PHE A 122 -0.46 9.91 10.84
N PHE A 123 -1.62 10.44 11.24
CA PHE A 123 -2.10 10.35 12.65
C PHE A 123 -2.35 8.88 13.00
N MET A 124 -2.89 8.09 12.07
CA MET A 124 -3.08 6.63 12.31
C MET A 124 -1.72 6.01 12.65
N LEU A 125 -0.70 6.27 11.82
CA LEU A 125 0.65 5.69 12.00
C LEU A 125 1.26 6.18 13.31
N LEU A 126 1.15 7.49 13.60
CA LEU A 126 1.76 8.06 14.82
C LEU A 126 1.18 7.36 16.06
N ILE A 127 -0.14 7.17 16.08
CA ILE A 127 -0.84 6.49 17.20
C ILE A 127 -0.36 5.03 17.28
N GLY A 128 -0.27 4.34 16.15
CA GLY A 128 0.30 2.97 16.10
C GLY A 128 1.69 2.95 16.70
N TYR A 129 2.53 3.91 16.31
CA TYR A 129 3.95 3.95 16.74
C TYR A 129 4.02 4.14 18.25
N LEU A 130 3.17 5.02 18.78
CA LEU A 130 3.10 5.29 20.24
C LEU A 130 2.68 4.01 20.98
N GLY A 131 1.76 3.23 20.40
CA GLY A 131 1.31 1.96 21.00
C GLY A 131 2.38 0.89 20.89
N GLU A 132 3.05 0.80 19.74
CA GLU A 132 4.08 -0.23 19.46
C GLU A 132 5.24 -0.01 20.45
N THR A 133 5.56 1.25 20.75
CA THR A 133 6.68 1.63 21.65
C THR A 133 6.17 1.84 23.08
N LYS A 134 4.90 1.51 23.35
CA LYS A 134 4.31 1.35 24.70
C LYS A 134 4.26 2.71 25.39
N GLN A 135 4.06 3.79 24.62
N GLN A 135 4.14 3.79 24.61
CA GLN A 135 3.90 5.17 25.14
CA GLN A 135 3.90 5.17 25.11
C GLN A 135 2.42 5.43 25.40
C GLN A 135 2.44 5.29 25.55
N ILE A 136 1.55 4.58 24.85
CA ILE A 136 0.09 4.53 25.17
C ILE A 136 -0.37 3.08 25.20
N ASN A 137 -1.50 2.78 25.83
CA ASN A 137 -1.99 1.39 26.02
C ASN A 137 -2.58 0.88 24.70
N LYS A 138 -2.74 -0.43 24.59
N LYS A 138 -2.75 -0.44 24.59
CA LYS A 138 -3.15 -1.12 23.34
CA LYS A 138 -3.15 -1.14 23.34
C LYS A 138 -4.56 -0.67 22.95
C LYS A 138 -4.56 -0.67 22.95
N MET A 139 -5.45 -0.49 23.93
CA MET A 139 -6.87 -0.17 23.70
C MET A 139 -6.97 1.21 23.06
N LEU A 140 -6.24 2.19 23.58
CA LEU A 140 -6.19 3.57 23.02
C LEU A 140 -5.60 3.52 21.60
N THR A 141 -4.54 2.72 21.40
CA THR A 141 -3.90 2.55 20.08
C THR A 141 -4.93 2.01 19.07
N LEU A 142 -5.65 0.97 19.44
CA LEU A 142 -6.62 0.28 18.54
C LEU A 142 -7.72 1.26 18.14
N PHE A 143 -8.26 2.00 19.11
N PHE A 143 -8.34 1.91 19.13
CA PHE A 143 -9.46 2.85 18.94
CA PHE A 143 -9.47 2.86 18.94
C PHE A 143 -9.09 4.13 18.18
C PHE A 143 -8.99 4.05 18.09
N GLY A 144 -7.95 4.75 18.55
CA GLY A 144 -7.45 5.97 17.89
C GLY A 144 -6.92 5.67 16.50
N GLY A 145 -6.11 4.62 16.36
CA GLY A 145 -5.63 4.17 15.03
C GLY A 145 -6.79 3.85 14.11
N SER A 146 -7.77 3.07 14.59
CA SER A 146 -8.95 2.65 13.79
C SER A 146 -9.76 3.89 13.39
N PHE A 147 -9.91 4.87 14.29
CA PHE A 147 -10.62 6.12 13.98
C PHE A 147 -10.00 6.77 12.72
N PHE A 148 -8.68 6.91 12.69
CA PHE A 148 -7.99 7.60 11.57
C PHE A 148 -7.96 6.71 10.33
N LEU A 149 -7.85 5.38 10.47
CA LEU A 149 -8.02 4.48 9.30
C LEU A 149 -9.39 4.75 8.66
N PHE A 150 -10.45 4.80 9.47
CA PHE A 150 -11.84 5.00 8.98
CA PHE A 150 -11.84 4.99 8.96
C PHE A 150 -11.95 6.37 8.32
N LEU A 151 -11.35 7.40 8.93
CA LEU A 151 -11.41 8.76 8.35
C LEU A 151 -10.68 8.78 7.00
N THR A 152 -9.49 8.19 6.92
CA THR A 152 -8.72 8.13 5.65
C THR A 152 -9.62 7.51 4.57
N PHE A 153 -10.21 6.35 4.86
CA PHE A 153 -10.95 5.58 3.84
C PHE A 153 -12.29 6.26 3.53
N TYR A 154 -12.89 6.94 4.51
CA TYR A 154 -14.11 7.75 4.27
C TYR A 154 -13.77 8.88 3.29
N LEU A 155 -12.68 9.61 3.54
CA LEU A 155 -12.29 10.76 2.68
C LEU A 155 -12.05 10.24 1.25
N LEU A 156 -11.37 9.11 1.12
CA LEU A 156 -11.11 8.48 -0.20
C LEU A 156 -12.45 8.15 -0.87
N TYR A 157 -13.36 7.50 -0.13
CA TYR A 157 -14.63 6.98 -0.70
C TYR A 157 -15.44 8.16 -1.27
N VAL A 158 -15.67 9.20 -0.45
CA VAL A 158 -16.73 10.19 -0.78
C VAL A 158 -16.25 11.09 -1.93
N LYS A 159 -14.94 11.19 -2.16
CA LYS A 159 -14.40 12.08 -3.23
C LYS A 159 -14.18 11.29 -4.52
N TYR A 160 -13.73 10.04 -4.44
CA TYR A 160 -13.04 9.40 -5.61
C TYR A 160 -13.78 8.16 -6.12
N THR A 161 -14.74 7.59 -5.39
CA THR A 161 -15.45 6.36 -5.84
C THR A 161 -16.70 6.71 -6.65
N LYS A 162 -17.13 5.75 -7.46
CA LYS A 162 -18.49 5.70 -8.05
C LYS A 162 -19.19 4.43 -7.57
N GLU A 163 -20.52 4.43 -7.62
CA GLU A 163 -21.35 3.33 -7.07
C GLU A 163 -21.47 2.22 -8.12
N ASN A 164 -20.43 1.37 -8.21
CA ASN A 164 -20.46 0.18 -9.10
C ASN A 164 -19.45 -0.84 -8.58
N TRP A 165 -19.56 -2.07 -9.05
CA TRP A 165 -18.90 -3.22 -8.39
C TRP A 165 -17.39 -3.20 -8.65
N MET A 166 -16.96 -2.61 -9.76
N MET A 166 -16.96 -2.64 -9.79
CA MET A 166 -15.51 -2.39 -10.05
CA MET A 166 -15.52 -2.38 -10.06
C MET A 166 -14.92 -1.49 -8.98
C MET A 166 -14.94 -1.53 -8.92
N ASN A 167 -15.66 -0.46 -8.55
CA ASN A 167 -15.24 0.44 -7.45
C ASN A 167 -15.26 -0.30 -6.11
N TYR A 168 -16.32 -1.08 -5.85
CA TYR A 168 -16.49 -1.75 -4.54
C TYR A 168 -15.35 -2.76 -4.34
N ILE A 169 -14.97 -3.48 -5.39
CA ILE A 169 -13.87 -4.49 -5.28
C ILE A 169 -12.60 -3.78 -4.84
N VAL A 170 -12.20 -2.74 -5.56
CA VAL A 170 -10.88 -2.08 -5.31
C VAL A 170 -10.93 -1.43 -3.92
N PHE A 171 -12.01 -0.72 -3.61
CA PHE A 171 -12.12 0.03 -2.33
C PHE A 171 -12.13 -0.93 -1.14
N TYR A 172 -13.01 -1.93 -1.14
CA TYR A 172 -13.26 -2.76 0.07
C TYR A 172 -12.14 -3.79 0.25
N PHE A 173 -11.54 -4.30 -0.84
CA PHE A 173 -10.35 -5.18 -0.75
C PHE A 173 -9.27 -4.41 0.02
N MET A 174 -9.00 -3.18 -0.42
CA MET A 174 -7.93 -2.36 0.17
CA MET A 174 -7.92 -2.36 0.18
C MET A 174 -8.28 -2.04 1.63
N PHE A 175 -9.51 -1.62 1.89
CA PHE A 175 -9.95 -1.25 3.26
C PHE A 175 -9.74 -2.45 4.19
N LEU A 176 -10.21 -3.64 3.80
CA LEU A 176 -10.07 -4.85 4.64
C LEU A 176 -8.59 -5.12 4.91
N VAL A 177 -7.76 -5.10 3.87
CA VAL A 177 -6.33 -5.46 4.00
C VAL A 177 -5.67 -4.46 4.96
N TRP A 178 -5.94 -3.16 4.81
CA TRP A 178 -5.32 -2.14 5.70
C TRP A 178 -5.83 -2.34 7.14
N PHE A 179 -7.12 -2.60 7.31
CA PHE A 179 -7.72 -2.92 8.64
C PHE A 179 -6.95 -4.06 9.31
N LEU A 180 -6.51 -5.05 8.53
CA LEU A 180 -5.88 -6.26 9.10
C LEU A 180 -4.47 -5.97 9.63
N TYR A 181 -3.86 -4.84 9.26
CA TYR A 181 -2.63 -4.35 9.94
C TYR A 181 -2.95 -3.97 11.39
N GLY A 182 -4.12 -3.38 11.61
CA GLY A 182 -4.61 -3.06 12.96
C GLY A 182 -4.91 -4.31 13.74
N PHE A 183 -5.53 -5.30 13.10
CA PHE A 183 -5.81 -6.62 13.72
C PHE A 183 -4.49 -7.24 14.19
N ALA A 184 -3.44 -7.19 13.36
CA ALA A 184 -2.13 -7.80 13.66
C ALA A 184 -1.54 -7.19 14.94
N PHE A 185 -1.80 -5.90 15.17
CA PHE A 185 -1.19 -5.12 16.28
C PHE A 185 -1.46 -5.82 17.62
N MET A 186 -2.56 -6.57 17.70
CA MET A 186 -3.06 -7.21 18.95
C MET A 186 -2.19 -8.40 19.34
N PHE A 187 -1.44 -8.97 18.39
CA PHE A 187 -0.86 -10.33 18.54
C PHE A 187 0.55 -10.23 19.11
N PRO A 188 1.06 -11.31 19.75
CA PRO A 188 2.44 -11.34 20.22
C PRO A 188 3.45 -11.17 19.09
N PHE A 189 4.68 -10.83 19.46
CA PHE A 189 5.79 -10.46 18.54
C PHE A 189 5.79 -11.35 17.29
N SER A 190 6.00 -12.66 17.47
CA SER A 190 6.25 -13.56 16.32
C SER A 190 5.05 -13.54 15.37
N ILE A 191 3.84 -13.73 15.89
CA ILE A 191 2.60 -13.86 15.07
C ILE A 191 2.32 -12.53 14.38
N LYS A 192 2.46 -11.43 15.12
CA LYS A 192 2.24 -10.07 14.58
C LYS A 192 3.16 -9.83 13.38
N ASN A 193 4.44 -10.17 13.52
CA ASN A 193 5.46 -9.90 12.48
C ASN A 193 5.27 -10.85 11.29
N GLN A 194 4.83 -12.09 11.54
CA GLN A 194 4.47 -13.02 10.43
C GLN A 194 3.30 -12.41 9.65
N MET A 195 2.31 -11.87 10.36
CA MET A 195 1.13 -11.27 9.69
C MET A 195 1.58 -10.08 8.83
N TYR A 196 2.41 -9.18 9.34
CA TYR A 196 2.86 -7.99 8.57
C TYR A 196 3.64 -8.47 7.33
N ASN A 197 4.49 -9.48 7.49
CA ASN A 197 5.35 -9.97 6.37
C ASN A 197 4.44 -10.40 5.20
N ILE A 198 3.34 -11.07 5.50
CA ILE A 198 2.41 -11.59 4.46
C ILE A 198 1.45 -10.48 4.00
N LEU A 199 0.98 -9.64 4.91
CA LEU A 199 0.06 -8.53 4.53
C LEU A 199 0.74 -7.64 3.49
N ASP A 200 2.05 -7.40 3.64
CA ASP A 200 2.79 -6.50 2.71
C ASP A 200 2.72 -7.08 1.29
N ILE A 201 2.72 -8.41 1.15
CA ILE A 201 2.58 -9.05 -0.19
C ILE A 201 1.26 -8.59 -0.81
N VAL A 202 0.19 -8.57 -0.03
CA VAL A 202 -1.17 -8.27 -0.54
C VAL A 202 -1.30 -6.75 -0.77
N SER A 203 -0.89 -5.92 0.19
CA SER A 203 -1.11 -4.46 0.12
C SER A 203 -0.25 -3.82 -0.96
N LYR A 204 0.98 -4.34 -1.13
N LYR A 204 0.97 -4.33 -1.14
CA LYR A 204 1.93 -3.73 -2.04
CA LYR A 204 1.93 -3.73 -2.05
C LYR A 204 2.01 -4.50 -3.35
C LYR A 204 2.03 -4.53 -3.36
O LYR A 204 1.74 -3.97 -4.42
O LYR A 204 1.75 -4.02 -4.44
CB LYR A 204 3.31 -3.57 -1.38
CB LYR A 204 3.31 -3.56 -1.40
CG LYR A 204 3.27 -2.52 -0.25
CG LYR A 204 3.26 -2.53 -0.26
CD LYR A 204 4.61 -2.41 0.48
CD LYR A 204 4.62 -2.41 0.45
CE LYR A 204 4.63 -1.22 1.45
CE LYR A 204 4.66 -1.21 1.40
NZ LYR A 204 4.02 -1.55 2.75
NZ LYR A 204 4.07 -1.53 2.72
C1 LYR A 204 2.76 -1.23 3.01
C1 LYR A 204 2.79 -1.31 2.96
C2 LYR A 204 2.35 -1.09 4.33
C2 LYR A 204 2.36 -1.19 4.28
C3 LYR A 204 1.04 -0.78 4.76
C3 LYR A 204 1.06 -0.85 4.70
C4 LYR A 204 -0.06 -0.67 3.72
C4 LYR A 204 -0.03 -0.69 3.63
C5 LYR A 204 0.75 -0.55 6.14
C5 LYR A 204 0.75 -0.64 6.06
C6 LYR A 204 -0.51 -0.16 6.61
C6 LYR A 204 -0.51 -0.23 6.52
C7 LYR A 204 -0.57 -0.01 8.02
C7 LYR A 204 -0.57 -0.09 7.93
C80 LYR A 204 -1.76 0.14 8.74
C80 LYR A 204 -1.75 0.12 8.64
C8 LYR A 204 -3.09 0.24 7.98
C8 LYR A 204 -3.07 0.29 7.88
C9 LYR A 204 -1.76 0.22 10.18
C9 LYR A 204 -1.74 0.22 10.08
C10 LYR A 204 -2.96 0.32 10.84
C10 LYR A 204 -2.93 0.38 10.74
C11 LYR A 204 -3.12 0.37 12.28
C11 LYR A 204 -3.06 0.43 12.18
C12 LYR A 204 -4.38 0.42 12.80
C12 LYR A 204 -4.32 0.55 12.71
C13 LYR A 204 -5.58 0.43 11.85
C13 LYR A 204 -5.52 0.63 11.76
C14 LYR A 204 -4.70 0.51 14.29
C14 LYR A 204 -4.62 0.69 14.19
C15 LYR A 204 -3.52 -0.03 15.09
C15 LYR A 204 -3.37 1.18 14.92
C16 LYR A 204 -2.26 0.72 14.66
C16 LYR A 204 -2.22 0.24 14.57
C17 LYR A 204 -1.89 0.37 13.21
C17 LYR A 204 -1.82 0.39 13.10
C18 LYR A 204 -0.91 1.45 12.70
C18 LYR A 204 -1.06 1.71 12.93
C19 LYR A 204 -1.23 -1.00 13.17
C19 LYR A 204 -0.95 -0.79 12.69
N ASN A 205 2.42 -5.77 -3.28
N ASN A 205 2.45 -5.79 -3.25
CA ASN A 205 2.88 -6.54 -4.46
CA ASN A 205 2.90 -6.58 -4.43
C ASN A 205 1.67 -6.94 -5.31
C ASN A 205 1.70 -6.97 -5.29
N ILE A 206 0.60 -7.42 -4.67
CA ILE A 206 -0.64 -7.77 -5.43
C ILE A 206 -1.18 -6.52 -6.15
N TYR A 207 -1.08 -5.35 -5.54
CA TYR A 207 -1.51 -4.09 -6.20
C TYR A 207 -0.69 -3.87 -7.47
N SER A 208 0.64 -4.02 -7.39
CA SER A 208 1.56 -3.83 -8.54
C SER A 208 1.18 -4.80 -9.67
N ILE A 209 0.97 -6.07 -9.31
N ILE A 209 0.97 -6.07 -9.31
CA ILE A 209 0.64 -7.13 -10.30
CA ILE A 209 0.64 -7.13 -10.30
C ILE A 209 -0.70 -6.79 -10.96
C ILE A 209 -0.70 -6.77 -10.97
N PHE A 210 -1.67 -6.33 -10.18
CA PHE A 210 -2.99 -5.87 -10.68
C PHE A 210 -2.78 -4.78 -11.74
N ILE A 211 -2.04 -3.71 -11.40
CA ILE A 211 -1.80 -2.59 -12.35
C ILE A 211 -1.11 -3.14 -13.61
N PHE A 212 -0.13 -4.03 -13.45
CA PHE A 212 0.57 -4.63 -14.60
C PHE A 212 -0.46 -5.31 -15.52
N ILE A 213 -1.36 -6.09 -14.95
CA ILE A 213 -2.35 -6.87 -15.74
C ILE A 213 -3.31 -5.89 -16.44
N VAL A 214 -3.71 -4.81 -15.78
CA VAL A 214 -4.58 -3.78 -16.41
C VAL A 214 -3.84 -3.17 -17.61
N ILE A 215 -2.57 -2.86 -17.46
CA ILE A 215 -1.73 -2.30 -18.56
C ILE A 215 -1.68 -3.32 -19.70
N LEU A 216 -1.34 -4.58 -19.40
N LEU A 216 -1.36 -4.58 -19.41
CA LEU A 216 -1.19 -5.64 -20.43
CA LEU A 216 -1.19 -5.62 -20.44
C LEU A 216 -2.51 -5.77 -21.19
C LEU A 216 -2.52 -5.78 -21.19
N ASN A 217 -3.64 -5.77 -20.46
CA ASN A 217 -5.00 -5.92 -21.05
C ASN A 217 -5.28 -4.74 -21.99
N GLN A 218 -5.00 -3.53 -21.54
CA GLN A 218 -5.32 -2.29 -22.29
C GLN A 218 -4.50 -2.27 -23.58
N SER A 219 -3.26 -2.76 -23.54
CA SER A 219 -2.22 -2.45 -24.53
C SER A 219 -1.91 -3.66 -25.41
N TYR A 220 -2.53 -4.81 -25.15
CA TYR A 220 -2.12 -6.10 -25.74
C TYR A 220 -2.00 -5.97 -27.25
N LYS A 221 -3.01 -5.36 -27.89
CA LYS A 221 -3.11 -5.25 -29.38
C LYS A 221 -1.95 -4.41 -29.89
N LEU A 222 -1.61 -3.32 -29.18
CA LEU A 222 -0.45 -2.45 -29.51
C LEU A 222 0.83 -3.29 -29.52
N LEU A 223 1.01 -4.14 -28.51
CA LEU A 223 2.27 -4.88 -28.25
C LEU A 223 2.58 -5.79 -29.46
N LEU A 224 1.23 -6.72 -29.87
CA LEU A 224 1.29 -7.79 -30.90
C LEU A 224 1.29 -7.16 -32.30
C1 LFA B . -11.87 -5.28 -17.70
C2 LFA B . -10.48 -5.22 -17.15
C3 LFA B . -9.96 -6.57 -16.70
C4 LFA B . -8.57 -6.56 -16.13
C5 LFA B . -8.51 -6.86 -14.65
C6 LFA B . -7.58 -7.98 -14.27
C7 LFA B . -7.46 -8.21 -12.79
C8 LFA B . -6.44 -9.24 -12.39
C9 LFA B . -6.23 -9.35 -10.90
C10 LFA B . -5.11 -10.28 -10.50
C11 LFA B . -4.22 -9.74 -9.40
C12 LFA B . -3.34 -10.78 -8.74
C1 LFA C . -11.08 -11.14 7.81
C2 LFA C . -10.47 -12.38 8.42
C3 LFA C . -10.05 -12.22 9.86
C4 LFA C . -10.57 -13.31 10.77
C5 LFA C . -9.53 -13.88 11.71
C6 LFA C . -10.11 -14.34 13.03
C7 LFA C . -9.38 -15.51 13.63
C8 LFA C . -7.99 -15.19 14.13
C9 LFA C . -6.91 -16.02 13.48
C10 LFA C . -5.51 -15.58 13.82
C11 LFA C . -4.47 -16.67 13.67
C12 LFA C . -3.23 -16.45 14.50
C13 LFA C . -2.78 -17.67 15.28
C14 LFA C . -3.01 -17.55 16.77
C15 LFA C . -2.45 -18.72 17.55
C1 LFA D . 15.03 4.47 3.54
C2 LFA D . 13.91 3.47 3.63
C3 LFA D . 13.50 3.13 5.04
C4 LFA D . 13.57 1.65 5.35
C5 LFA D . 12.81 1.26 6.59
C6 LFA D . 13.66 0.74 7.73
C7 LFA D . 15.04 0.24 7.35
C8 LFA D . 16.16 0.87 8.14
C9 LFA D . 15.73 1.53 9.44
C10 LFA D . 16.82 1.61 10.47
C11 LFA D . 16.33 1.62 11.90
C12 LFA D . 17.26 0.92 12.86
C13 LFA D . 16.73 0.80 14.27
C14 LFA D . 17.01 -0.55 14.90
C15 LFA D . 17.26 -0.51 16.39
C1 LFA E . 22.72 -3.59 11.19
C2 LFA E . 22.02 -4.12 9.95
C3 LFA E . 22.08 -3.16 8.79
C4 LFA E . 21.44 -3.70 7.53
C5 LFA E . 21.06 -2.63 6.54
C6 LFA E . 20.49 -3.18 5.25
C7 LFA E . 19.88 -2.13 4.36
C1 LFA F . 24.71 -3.59 2.67
C2 LFA F . 24.97 -3.57 4.15
C3 LFA F . 24.96 -4.93 4.79
C4 LFA F . 25.73 -4.96 6.09
C5 LFA F . 25.51 -6.19 6.92
C6 LFA F . 26.31 -6.20 8.20
C7 LFA F . 25.79 -7.15 9.25
C8 LFA F . 26.08 -6.71 10.66
C9 LFA F . 25.82 -7.78 11.68
C10 LFA F . 24.53 -8.51 11.48
C1 LFA G . -10.36 -0.38 -15.52
C2 LFA G . -10.02 -1.75 -14.96
C3 LFA G . -11.08 -2.30 -14.04
C4 LFA G . -10.54 -3.08 -12.88
C5 LFA G . -11.46 -3.13 -11.69
C6 LFA G . -12.33 -4.36 -11.64
C7 LFA G . -11.87 -5.39 -10.64
C8 LFA G . -10.90 -6.38 -11.19
C9 LFA G . -10.89 -7.70 -10.47
C10 LFA G . -9.89 -7.76 -9.34
C11 LFA G . -9.46 -9.16 -8.98
C11 LFA H . -12.41 17.43 5.64
C12 LFA H . -10.97 17.41 6.08
C13 LFA H . -10.69 16.45 7.21
C14 LFA H . -9.30 16.59 7.79
C15 LFA H . -8.67 15.29 8.22
C16 LFA H . -7.27 15.42 8.76
C17 LFA H . -7.06 14.82 10.12
C18 LFA H . -7.74 15.58 11.24
C19 LFA H . -7.31 15.15 12.62
C2 LFA I . 4.70 7.18 12.14
C3 LFA I . 5.97 7.03 12.93
C4 LFA I . 7.23 7.10 12.10
C1 LFA J . 12.83 -6.10 -4.95
C2 LFA J . 12.45 -4.64 -4.98
C3 LFA J . 13.52 -3.77 -5.55
C4 LFA J . 13.00 -2.71 -6.48
C5 LFA J . 13.81 -2.53 -7.74
C6 LFA J . 13.57 -1.22 -8.44
C7 LFA J . 14.18 -1.12 -9.81
C1 LFA K . 7.24 3.39 -21.65
C2 LFA K . 8.61 3.92 -21.30
C3 LFA K . 8.81 4.17 -19.84
C4 LFA K . 10.26 4.28 -19.45
C5 LFA K . 10.52 5.14 -18.24
C6 LFA K . 11.84 4.86 -17.58
C7 LFA K . 11.73 3.94 -16.39
C8 LFA K . 13.07 3.54 -15.81
C9 LFA K . 12.97 2.97 -14.41
C10 LFA K . 13.73 1.69 -14.22
C11 LFA K . 13.85 1.24 -12.78
C16 LFA L . -15.60 6.34 12.70
C17 LFA L . -15.12 7.71 12.28
C18 LFA L . -14.79 7.82 10.82
C19 LFA L . -14.88 9.21 10.26
C20 LFA L . -16.02 9.39 9.27
C16 LFA M . 13.88 -1.50 21.33
C17 LFA M . 15.26 -1.77 20.79
C18 LFA M . 15.29 -2.04 19.30
C19 LFA M . 16.69 -2.20 18.75
C20 LFA M . 16.75 -2.98 17.45
C13 LFA N . -0.15 -16.95 2.68
C14 LFA N . 1.21 -17.36 3.15
C15 LFA N . 1.25 -17.91 4.57
C16 LFA N . 2.65 -18.18 5.07
C17 LFA N . 2.80 -19.46 5.83
C18 LFA N . 4.06 -19.54 6.66
C19 LFA N . 3.80 -19.79 8.13
C20 LFA N . 4.20 -21.17 8.58
C1 LFA O . 17.32 -7.52 -5.96
C2 LFA O . 16.53 -6.94 -7.11
C3 LFA O . 15.66 -7.96 -7.82
C4 LFA O . 14.70 -7.37 -8.84
C5 LFA O . 15.36 -6.79 -10.06
C6 LFA O . 14.49 -5.81 -10.80
C7 LFA O . 15.03 -5.42 -12.15
C8 LFA O . 16.04 -4.29 -12.10
C9 LFA O . 16.53 -3.88 -13.46
C10 LFA O . 17.43 -2.67 -13.43
C11 LFA O . 18.76 -2.93 -12.79
C12 LFA O . 19.33 -1.74 -12.07
C13 LFA O . 19.70 -2.01 -10.65
C14 LFA O . 21.14 -1.69 -10.32
C15 LFA O . 21.70 -2.52 -9.20
C16 LFA O . 22.05 -1.70 -7.98
C1 LFA P . -5.69 -10.16 2.45
C2 LFA P . -4.72 -10.30 3.60
C3 LFA P . -4.33 -11.73 3.87
C4 LFA P . -3.06 -11.86 4.67
C5 LFA P . -2.97 -13.14 5.45
C6 LFA P . -1.86 -13.13 6.45
C7 LFA P . -2.29 -13.56 7.82
C8 LFA P . -2.03 -15.01 8.11
C9 LFA P . -1.72 -15.30 9.55
C10 LFA P . -0.30 -15.70 9.79
C11 LFA P . 0.05 -15.84 11.25
C12 LFA P . 0.85 -17.07 11.58
C13 LFA P . 0.61 -17.61 12.97
C14 LFA P . 1.31 -18.92 13.24
C15 LFA P . 2.05 -18.97 14.56
C9 LFA Q . -21.62 -3.30 -1.74
C10 LFA Q . -20.30 -3.66 -1.12
C11 LFA Q . -20.22 -3.43 0.37
C12 LFA Q . -19.74 -4.63 1.16
C13 LFA Q . -18.67 -4.31 2.17
C14 LFA Q . -18.56 -5.28 3.30
C15 LFA Q . -17.50 -6.33 3.13
C16 LFA Q . -16.14 -5.79 2.74
C17 LFA Q . -15.09 -5.88 3.83
C18 LFA Q . -15.01 -4.65 4.69
C19 LFA Q . -13.71 -4.54 5.46
C20 LFA Q . -13.68 -3.41 6.45
C2 LFA R . 8.49 11.09 10.88
C3 LFA R . 9.66 10.16 10.84
C4 LFA R . 10.33 10.04 9.48
C5 LFA R . 11.13 8.78 9.29
C6 LFA R . 11.60 8.52 7.88
C7 LFA R . 13.04 8.12 7.78
C8 LFA R . 13.26 6.67 7.40
C9 LFA R . 14.62 6.12 7.77
C10 LFA S . -21.11 6.84 2.39
C11 LFA S . -20.33 5.57 2.16
C12 LFA S . -19.28 5.29 3.21
C13 LFA S . -18.42 4.08 2.94
C14 LFA S . -16.96 4.29 3.26
C15 LFA S . -16.44 3.38 4.35
C16 LFA S . -15.22 3.93 5.06
C17 LFA S . -15.53 4.52 6.41
C18 LFA S . -15.97 3.52 7.45
C19 LFA S . -17.02 4.06 8.36
C20 LFA S . -17.05 5.58 8.38
C1 LFA T . 7.62 12.11 7.89
C2 LFA T . 6.67 12.10 6.72
C3 LFA T . 7.34 11.97 5.38
C4 LFA T . 6.41 12.26 4.22
C5 LFA T . 6.56 11.32 3.06
C6 LFA T . 5.74 11.71 1.86
C1 LFA U . 2.40 14.54 -5.39
C2 LFA U . 1.65 15.83 -5.13
C3 LFA U . 0.28 15.60 -4.55
C4 LFA U . -0.01 16.39 -3.30
C5 LFA U . -0.34 15.53 -2.12
C6 LFA U . -0.07 16.19 -0.79
C7 LFA U . 0.14 15.21 0.32
C8 LFA U . 1.34 14.33 0.14
C9 LFA U . 2.38 14.52 1.19
C10 LFA U . 2.09 13.75 2.44
C11 LFA U . 1.68 14.61 3.60
C12 LFA U . 2.03 13.99 4.92
C13 LFA U . 1.09 14.36 6.02
C14 LFA U . 1.79 14.53 7.34
C15 LFA U . 3.24 14.10 7.32
C16 LFA U . 4.06 14.67 8.44
C17 LFA U . 3.82 16.13 8.70
C18 LFA U . 2.89 16.41 9.85
C17 LFA V . 2.66 -12.23 -19.88
C18 LFA V . 2.53 -12.93 -18.55
C19 LFA V . 3.15 -12.20 -17.40
C20 LFA V . 2.25 -12.03 -16.20
O 97N W . -7.87 -3.72 -4.67
O1 97N W . -5.66 -3.66 -4.43
O2 97N W . -3.50 -4.28 -2.69
O3 97N W . -4.81 -3.41 -0.24
C12 97N W . -7.54 -6.88 -7.01
C13 97N W . -7.66 -5.35 -6.99
C14 97N W . -6.47 -4.69 -6.37
C15 97N W . -6.77 -3.98 -5.08
C16 97N W . -5.76 -3.55 -3.00
C17 97N W . -4.85 -4.58 -2.36
C18 97N W . -5.01 -4.67 -0.86
#